data_1A8B
#
_entry.id   1A8B
#
_cell.length_a   157.470
_cell.length_b   157.470
_cell.length_c   37.440
_cell.angle_alpha   90.00
_cell.angle_beta   90.00
_cell.angle_gamma   120.00
#
_symmetry.space_group_name_H-M   'H 3'
#
loop_
_entity.id
_entity.type
_entity.pdbx_description
1 polymer 'ANNEXIN V'
2 non-polymer 'CALCIUM ION'
3 non-polymer L-ALPHA-GLYCEROPHOSPHORYLETHANOLAMINE
4 water water
#
_entity_poly.entity_id   1
_entity_poly.type   'polypeptide(L)'
_entity_poly.pdbx_seq_one_letter_code
;(ACE)ALRGTVTDFSGFDGRADAEVLRKAMKGLGTDEDSILNLLTARSNAQRQQIAEEFKTLFGRDLVNDMKSELTGKFE
KLIVALMKPSRLYDAYELKHALKGAGTDEKVLTEIIASRTPEELRAIKQAYEEEYGSNLEDDVVGDTSGYYQRMLVVLLQ
ANRDPDTAIDDAQVELDAQALFQAGELKWGTDEEKFITILGTRSVSHLRRVFDKYMTISGFQIEETIDRETSGNLENLLL
AVVKSIRSIPAYLAETLYYAMKGAGTDDHTLIRVIVSRSEIDLFNIRKEFRKNFATSLYSMIKGDTSGDYKKALLLLCGG
EDD
;
_entity_poly.pdbx_strand_id   A
#
# COMPACT_ATOMS: atom_id res chain seq x y z
N ALA A 2 -1.67 -11.17 -14.82
CA ALA A 2 -1.21 -9.87 -15.27
C ALA A 2 -0.39 -9.06 -14.26
N LEU A 3 -0.56 -9.26 -12.95
CA LEU A 3 0.19 -8.52 -11.93
C LEU A 3 1.45 -9.28 -11.59
N ARG A 4 2.54 -8.65 -11.15
CA ARG A 4 3.74 -9.35 -10.77
C ARG A 4 4.59 -8.43 -9.92
N GLY A 5 5.19 -9.01 -8.89
CA GLY A 5 6.13 -8.31 -8.06
C GLY A 5 7.55 -8.62 -8.53
N THR A 6 8.53 -8.00 -7.86
CA THR A 6 9.95 -8.15 -8.17
C THR A 6 10.67 -9.29 -7.39
N VAL A 7 10.27 -9.46 -6.08
CA VAL A 7 10.79 -10.42 -5.09
C VAL A 7 10.13 -11.77 -5.26
N THR A 8 10.92 -12.81 -5.50
CA THR A 8 10.40 -14.15 -5.64
C THR A 8 11.11 -15.14 -4.75
N ASP A 9 10.48 -16.29 -4.62
CA ASP A 9 11.00 -17.43 -3.88
C ASP A 9 12.32 -17.80 -4.52
N PHE A 10 13.31 -17.94 -3.64
CA PHE A 10 14.65 -18.33 -3.99
C PHE A 10 14.73 -19.81 -4.25
N SER A 11 15.25 -20.08 -5.41
CA SER A 11 15.47 -21.43 -5.84
C SER A 11 16.67 -21.94 -5.06
N GLY A 12 16.56 -23.20 -4.65
CA GLY A 12 17.64 -23.83 -3.94
C GLY A 12 17.87 -23.17 -2.60
N PHE A 13 16.79 -22.76 -1.95
CA PHE A 13 16.87 -22.16 -0.62
C PHE A 13 17.21 -23.22 0.42
N ASP A 14 17.96 -22.77 1.40
CA ASP A 14 18.23 -23.59 2.56
C ASP A 14 18.26 -22.60 3.71
N GLY A 15 17.23 -22.81 4.55
CA GLY A 15 16.96 -21.96 5.71
C GLY A 15 18.12 -21.89 6.68
N ARG A 16 18.63 -23.11 6.82
CA ARG A 16 19.71 -23.41 7.71
C ARG A 16 20.97 -22.73 7.20
N ALA A 17 21.42 -22.84 5.94
CA ALA A 17 22.53 -22.06 5.35
C ALA A 17 22.37 -20.60 5.63
N ASP A 18 21.19 -20.08 5.29
CA ASP A 18 20.94 -18.66 5.42
C ASP A 18 20.99 -18.15 6.81
N ALA A 19 20.53 -18.90 7.79
CA ALA A 19 20.62 -18.40 9.15
C ALA A 19 22.08 -18.33 9.64
N GLU A 20 22.95 -19.26 9.20
CA GLU A 20 24.37 -19.23 9.59
C GLU A 20 25.07 -18.01 9.00
N VAL A 21 24.69 -17.59 7.78
CA VAL A 21 25.25 -16.35 7.25
C VAL A 21 24.80 -15.15 8.06
N LEU A 22 23.51 -15.17 8.39
CA LEU A 22 23.02 -14.06 9.15
C LEU A 22 23.64 -14.04 10.52
N ARG A 23 23.79 -15.16 11.27
CA ARG A 23 24.56 -15.20 12.53
C ARG A 23 26.00 -14.73 12.36
N LYS A 24 26.69 -15.26 11.34
CA LYS A 24 28.05 -14.82 11.00
C LYS A 24 28.06 -13.35 10.59
N ALA A 25 26.97 -12.82 10.00
CA ALA A 25 27.00 -11.43 9.56
C ALA A 25 26.92 -10.52 10.74
N MET A 26 26.48 -11.04 11.89
CA MET A 26 26.36 -10.19 13.07
C MET A 26 27.27 -10.42 14.26
N LYS A 27 27.66 -11.69 14.49
CA LYS A 27 28.40 -12.15 15.67
C LYS A 27 29.61 -11.29 16.01
N GLY A 28 29.66 -10.86 17.26
CA GLY A 28 30.79 -10.03 17.69
C GLY A 28 30.79 -8.60 17.17
N LEU A 29 31.91 -7.90 17.25
CA LEU A 29 31.94 -6.50 16.91
C LEU A 29 31.77 -6.20 15.44
N GLY A 30 30.89 -5.23 15.21
CA GLY A 30 30.56 -4.81 13.86
C GLY A 30 29.32 -5.52 13.39
N THR A 31 29.03 -5.43 12.10
CA THR A 31 27.81 -5.92 11.47
C THR A 31 28.18 -5.79 10.04
N ASP A 32 27.96 -6.82 9.30
CA ASP A 32 28.17 -6.80 7.89
C ASP A 32 26.80 -6.54 7.25
N GLU A 33 26.33 -5.27 7.29
CA GLU A 33 25.08 -4.82 6.70
C GLU A 33 24.92 -5.32 5.28
N ASP A 34 26.05 -5.51 4.58
CA ASP A 34 26.01 -6.08 3.25
C ASP A 34 25.55 -7.52 3.12
N SER A 35 25.95 -8.47 4.01
CA SER A 35 25.55 -9.86 3.79
C SER A 35 24.10 -10.08 4.10
N ILE A 36 23.65 -9.26 5.06
CA ILE A 36 22.26 -9.22 5.47
C ILE A 36 21.44 -8.73 4.29
N LEU A 37 21.64 -7.47 3.89
CA LEU A 37 20.86 -6.80 2.86
C LEU A 37 20.89 -7.63 1.63
N ASN A 38 22.00 -8.25 1.29
CA ASN A 38 22.00 -9.08 0.11
C ASN A 38 21.20 -10.34 0.25
N LEU A 39 21.09 -10.89 1.46
CA LEU A 39 20.34 -12.14 1.61
C LEU A 39 18.84 -11.90 1.67
N LEU A 40 18.51 -10.90 2.43
CA LEU A 40 17.14 -10.66 2.71
C LEU A 40 16.41 -10.14 1.51
N THR A 41 16.94 -9.24 0.66
CA THR A 41 16.20 -8.69 -0.46
C THR A 41 16.09 -9.76 -1.53
N ALA A 42 16.63 -10.99 -1.37
CA ALA A 42 16.56 -12.08 -2.38
C ALA A 42 15.75 -13.36 -2.01
N ARG A 43 15.07 -13.25 -0.87
CA ARG A 43 14.28 -14.34 -0.39
C ARG A 43 12.87 -13.80 -0.37
N SER A 44 11.89 -14.59 -0.75
CA SER A 44 10.52 -14.18 -0.59
C SER A 44 10.18 -13.98 0.87
N ASN A 45 9.03 -13.45 1.25
CA ASN A 45 8.83 -13.14 2.66
C ASN A 45 8.48 -14.43 3.39
N ALA A 46 7.95 -15.47 2.74
CA ALA A 46 7.69 -16.76 3.32
C ALA A 46 9.06 -17.26 3.79
N GLN A 47 10.03 -17.21 2.87
CA GLN A 47 11.39 -17.61 3.13
C GLN A 47 12.04 -16.78 4.19
N ARG A 48 11.90 -15.50 4.35
CA ARG A 48 12.44 -14.87 5.52
C ARG A 48 11.82 -15.47 6.83
N GLN A 49 10.56 -15.93 6.88
CA GLN A 49 10.03 -16.43 8.16
C GLN A 49 10.65 -17.80 8.47
N GLN A 50 10.83 -18.68 7.46
CA GLN A 50 11.55 -19.93 7.63
C GLN A 50 12.97 -19.61 8.05
N ILE A 51 13.68 -18.65 7.48
CA ILE A 51 15.03 -18.33 7.94
C ILE A 51 14.91 -17.91 9.37
N ALA A 52 13.83 -17.24 9.84
CA ALA A 52 13.79 -16.81 11.25
C ALA A 52 13.50 -17.96 12.25
N GLU A 53 12.89 -19.02 11.73
CA GLU A 53 12.66 -20.26 12.41
C GLU A 53 14.01 -20.92 12.77
N GLU A 54 14.73 -21.41 11.75
CA GLU A 54 16.07 -22.01 11.82
C GLU A 54 17.02 -21.22 12.64
N PHE A 55 17.08 -19.90 12.63
CA PHE A 55 17.99 -19.11 13.46
C PHE A 55 17.75 -19.33 14.93
N LYS A 56 16.47 -19.55 15.29
CA LYS A 56 16.07 -19.68 16.70
C LYS A 56 16.24 -21.14 17.00
N THR A 57 15.99 -22.13 16.15
CA THR A 57 16.34 -23.45 16.59
C THR A 57 17.87 -23.69 16.63
N LEU A 58 18.73 -23.13 15.77
CA LEU A 58 20.17 -23.32 15.89
C LEU A 58 20.78 -22.48 16.97
N PHE A 59 20.29 -21.27 17.28
CA PHE A 59 20.99 -20.45 18.24
C PHE A 59 20.20 -19.99 19.39
N GLY A 60 18.89 -20.13 19.41
CA GLY A 60 18.18 -19.72 20.65
C GLY A 60 18.12 -18.25 20.89
N ARG A 61 18.22 -17.61 19.72
CA ARG A 61 18.23 -16.17 19.60
C ARG A 61 17.09 -15.89 18.62
N ASP A 62 16.62 -14.65 18.68
CA ASP A 62 15.50 -14.16 17.87
C ASP A 62 16.10 -13.18 16.84
N LEU A 63 15.98 -13.64 15.59
CA LEU A 63 16.63 -12.98 14.50
C LEU A 63 16.24 -11.55 14.39
N VAL A 64 14.95 -11.15 14.55
CA VAL A 64 14.56 -9.73 14.37
C VAL A 64 15.09 -8.88 15.49
N ASN A 65 15.12 -9.39 16.71
CA ASN A 65 15.60 -8.57 17.84
C ASN A 65 17.09 -8.33 17.76
N ASP A 66 17.81 -9.32 17.25
CA ASP A 66 19.22 -9.18 16.96
C ASP A 66 19.46 -8.10 15.96
N MET A 67 18.97 -8.35 14.74
CA MET A 67 19.02 -7.34 13.67
C MET A 67 18.60 -5.95 14.18
N LYS A 68 17.55 -5.78 14.95
CA LYS A 68 17.20 -4.52 15.56
C LYS A 68 18.30 -4.01 16.48
N SER A 69 19.13 -4.81 17.17
CA SER A 69 20.15 -4.25 18.05
C SER A 69 21.39 -3.75 17.32
N GLU A 70 21.66 -4.43 16.21
CA GLU A 70 22.77 -4.18 15.28
C GLU A 70 22.58 -2.90 14.44
N LEU A 71 21.66 -2.97 13.46
CA LEU A 71 21.27 -1.94 12.49
C LEU A 71 20.59 -0.79 13.20
N THR A 72 20.51 0.28 12.40
CA THR A 72 19.93 1.50 12.89
C THR A 72 19.36 2.32 11.74
N GLY A 73 18.63 3.36 12.16
CA GLY A 73 17.99 4.32 11.29
C GLY A 73 17.07 3.70 10.27
N LYS A 74 16.96 4.39 9.15
CA LYS A 74 16.12 4.03 8.03
C LYS A 74 16.37 2.61 7.54
N PHE A 75 17.60 2.10 7.68
CA PHE A 75 17.93 0.73 7.26
C PHE A 75 17.24 -0.31 8.16
N GLU A 76 17.21 -0.08 9.48
CA GLU A 76 16.61 -0.98 10.44
C GLU A 76 15.15 -1.06 10.03
N LYS A 77 14.54 0.14 9.89
CA LYS A 77 13.13 0.31 9.58
C LYS A 77 12.76 -0.50 8.39
N LEU A 78 13.53 -0.43 7.30
CA LEU A 78 13.20 -1.22 6.14
C LEU A 78 13.40 -2.69 6.46
N ILE A 79 14.50 -3.16 7.08
CA ILE A 79 14.69 -4.59 7.23
C ILE A 79 13.61 -5.13 8.15
N VAL A 80 13.27 -4.48 9.24
CA VAL A 80 12.13 -4.84 10.08
C VAL A 80 10.86 -4.89 9.25
N ALA A 81 10.51 -3.95 8.32
CA ALA A 81 9.31 -4.08 7.52
C ALA A 81 9.35 -5.33 6.69
N LEU A 82 10.51 -5.76 6.25
CA LEU A 82 10.65 -6.92 5.39
C LEU A 82 10.60 -8.18 6.16
N MET A 83 10.90 -8.19 7.45
CA MET A 83 10.75 -9.45 8.18
C MET A 83 9.29 -9.63 8.60
N LYS A 84 8.51 -8.54 8.71
CA LYS A 84 7.07 -8.63 8.96
C LYS A 84 6.37 -9.64 8.06
N PRO A 85 5.57 -10.62 8.50
CA PRO A 85 4.90 -11.56 7.59
C PRO A 85 3.92 -10.81 6.64
N SER A 86 3.79 -11.21 5.37
CA SER A 86 2.87 -10.58 4.46
C SER A 86 1.48 -10.39 5.08
N ARG A 87 0.92 -11.42 5.69
CA ARG A 87 -0.44 -11.36 6.25
C ARG A 87 -0.54 -10.46 7.46
N LEU A 88 0.49 -9.78 7.91
CA LEU A 88 0.38 -8.95 9.09
C LEU A 88 0.89 -7.56 8.78
N TYR A 89 1.58 -7.23 7.63
CA TYR A 89 2.20 -5.90 7.50
C TYR A 89 1.22 -4.73 7.35
N ASP A 90 0.10 -4.96 6.67
CA ASP A 90 -0.91 -3.91 6.49
C ASP A 90 -1.58 -3.70 7.81
N ALA A 91 -1.92 -4.81 8.50
CA ALA A 91 -2.55 -4.72 9.81
C ALA A 91 -1.75 -3.91 10.74
N TYR A 92 -0.45 -4.07 10.63
CA TYR A 92 0.52 -3.38 11.43
C TYR A 92 0.60 -1.90 11.16
N GLU A 93 0.72 -1.54 9.88
CA GLU A 93 0.82 -0.12 9.48
C GLU A 93 -0.46 0.66 9.85
N LEU A 94 -1.59 -0.02 9.67
CA LEU A 94 -2.86 0.47 10.18
C LEU A 94 -2.91 0.62 11.70
N LYS A 95 -2.54 -0.37 12.56
CA LYS A 95 -2.54 -0.17 14.01
C LYS A 95 -1.63 0.94 14.48
N HIS A 96 -0.47 1.07 13.87
CA HIS A 96 0.44 2.12 14.30
C HIS A 96 0.07 3.48 13.73
N ALA A 97 -0.70 3.54 12.63
CA ALA A 97 -1.30 4.80 12.18
C ALA A 97 -2.39 5.22 13.12
N LEU A 98 -3.20 4.28 13.58
CA LEU A 98 -4.32 4.61 14.43
C LEU A 98 -3.91 4.93 15.84
N LYS A 99 -2.94 4.22 16.40
CA LYS A 99 -2.67 4.49 17.79
C LYS A 99 -1.95 5.79 18.05
N GLY A 100 -2.09 6.13 19.33
CA GLY A 100 -1.64 7.40 19.85
C GLY A 100 -2.76 8.41 19.66
N ALA A 101 -2.59 9.64 20.17
CA ALA A 101 -3.59 10.71 20.06
C ALA A 101 -3.99 10.86 18.60
N GLY A 102 -3.07 11.44 17.82
CA GLY A 102 -3.29 11.64 16.40
C GLY A 102 -3.53 10.35 15.65
N THR A 103 -3.78 10.54 14.38
CA THR A 103 -4.02 9.45 13.47
C THR A 103 -3.44 9.98 12.18
N ASP A 104 -2.80 9.09 11.42
CA ASP A 104 -2.17 9.41 10.16
C ASP A 104 -3.17 8.98 9.09
N GLU A 105 -3.92 9.96 8.58
CA GLU A 105 -4.97 9.71 7.61
C GLU A 105 -4.50 9.08 6.35
N LYS A 106 -3.31 9.53 5.93
CA LYS A 106 -2.65 9.02 4.73
C LYS A 106 -2.54 7.53 4.58
N VAL A 107 -2.16 6.91 5.73
CA VAL A 107 -1.91 5.47 5.74
C VAL A 107 -3.25 4.82 5.65
N LEU A 108 -4.16 5.28 6.50
CA LEU A 108 -5.57 4.83 6.43
C LEU A 108 -6.17 4.92 5.06
N THR A 109 -6.29 6.14 4.52
CA THR A 109 -6.65 6.32 3.12
C THR A 109 -5.94 5.41 2.13
N GLU A 110 -4.60 5.39 2.07
CA GLU A 110 -3.76 4.63 1.15
C GLU A 110 -4.00 3.13 1.11
N ILE A 111 -4.11 2.51 2.31
CA ILE A 111 -4.29 1.07 2.39
C ILE A 111 -5.74 0.72 2.15
N ILE A 112 -6.70 1.38 2.82
CA ILE A 112 -8.10 0.98 2.70
C ILE A 112 -8.62 1.24 1.30
N ALA A 113 -8.22 2.34 0.63
CA ALA A 113 -8.60 2.60 -0.75
C ALA A 113 -7.91 1.66 -1.74
N SER A 114 -6.59 1.36 -1.69
CA SER A 114 -6.00 0.44 -2.69
C SER A 114 -6.17 -1.03 -2.52
N ARG A 115 -6.63 -1.48 -1.37
CA ARG A 115 -6.66 -2.90 -1.14
C ARG A 115 -7.95 -3.40 -1.67
N THR A 116 -7.95 -4.58 -2.29
CA THR A 116 -9.17 -5.19 -2.74
C THR A 116 -10.02 -5.73 -1.54
N PRO A 117 -11.26 -6.21 -1.74
CA PRO A 117 -12.16 -6.72 -0.68
C PRO A 117 -11.61 -7.94 0.07
N GLU A 118 -11.26 -8.94 -0.74
CA GLU A 118 -10.49 -10.12 -0.38
C GLU A 118 -9.32 -9.68 0.45
N GLU A 119 -8.63 -8.60 0.16
CA GLU A 119 -7.52 -8.21 0.99
C GLU A 119 -7.90 -7.59 2.29
N LEU A 120 -8.98 -6.83 2.25
CA LEU A 120 -9.45 -6.04 3.36
C LEU A 120 -9.97 -6.98 4.41
N ARG A 121 -10.60 -8.09 3.99
CA ARG A 121 -11.06 -9.14 4.88
C ARG A 121 -9.95 -9.78 5.69
N ALA A 122 -8.93 -10.26 5.00
CA ALA A 122 -7.71 -10.78 5.60
C ALA A 122 -7.10 -9.72 6.47
N ILE A 123 -7.01 -8.45 6.11
CA ILE A 123 -6.47 -7.46 7.03
C ILE A 123 -7.38 -7.36 8.25
N LYS A 124 -8.72 -7.46 8.22
CA LYS A 124 -9.43 -7.31 9.50
C LYS A 124 -9.25 -8.47 10.47
N GLN A 125 -9.24 -9.65 9.88
CA GLN A 125 -9.00 -11.00 10.42
C GLN A 125 -7.74 -10.95 11.28
N ALA A 126 -6.57 -10.79 10.64
CA ALA A 126 -5.27 -10.63 11.28
C ALA A 126 -5.21 -9.56 12.32
N TYR A 127 -5.65 -8.33 12.02
CA TYR A 127 -5.64 -7.19 12.95
C TYR A 127 -6.29 -7.56 14.29
N GLU A 128 -7.43 -8.29 14.19
CA GLU A 128 -8.23 -8.76 15.31
C GLU A 128 -7.39 -9.83 15.98
N GLU A 129 -6.99 -10.93 15.31
CA GLU A 129 -6.20 -11.90 16.02
C GLU A 129 -4.82 -11.39 16.47
N GLU A 130 -4.32 -10.28 15.97
CA GLU A 130 -3.09 -9.72 16.42
C GLU A 130 -3.22 -8.72 17.52
N TYR A 131 -4.24 -7.87 17.53
CA TYR A 131 -4.26 -6.82 18.54
C TYR A 131 -5.42 -6.85 19.52
N GLY A 132 -6.41 -7.69 19.23
CA GLY A 132 -7.57 -7.89 20.10
C GLY A 132 -8.44 -6.65 20.26
N SER A 133 -8.62 -6.03 19.10
CA SER A 133 -9.43 -4.85 18.92
C SER A 133 -10.14 -5.15 17.61
N ASN A 134 -11.16 -4.41 17.27
CA ASN A 134 -11.76 -4.62 15.98
C ASN A 134 -11.25 -3.42 15.14
N LEU A 135 -11.00 -3.54 13.84
CA LEU A 135 -10.36 -2.50 13.03
C LEU A 135 -11.33 -1.39 12.87
N GLU A 136 -12.53 -1.83 12.44
CA GLU A 136 -13.61 -0.89 12.19
C GLU A 136 -13.83 0.02 13.37
N ASP A 137 -13.89 -0.56 14.57
CA ASP A 137 -14.04 0.23 15.77
C ASP A 137 -12.93 1.26 16.00
N ASP A 138 -11.68 0.90 15.71
CA ASP A 138 -10.60 1.84 15.99
C ASP A 138 -10.65 2.95 14.94
N VAL A 139 -10.97 2.62 13.69
CA VAL A 139 -11.03 3.59 12.61
C VAL A 139 -12.09 4.61 13.03
N VAL A 140 -13.28 4.11 13.37
CA VAL A 140 -14.38 4.96 13.80
C VAL A 140 -13.99 5.72 15.05
N GLY A 141 -13.08 5.20 15.83
CA GLY A 141 -12.72 5.77 17.11
C GLY A 141 -11.87 6.97 16.88
N ASP A 142 -11.11 6.90 15.79
CA ASP A 142 -10.22 7.97 15.43
C ASP A 142 -10.70 9.02 14.40
N THR A 143 -11.64 8.66 13.50
CA THR A 143 -12.16 9.60 12.53
C THR A 143 -13.55 10.18 12.80
N SER A 144 -13.96 11.12 11.93
CA SER A 144 -15.18 11.87 11.95
C SER A 144 -15.69 12.05 10.52
N GLY A 145 -16.96 12.45 10.42
CA GLY A 145 -17.67 12.84 9.23
C GLY A 145 -17.79 11.80 8.15
N TYR A 146 -17.93 12.33 6.92
CA TYR A 146 -18.10 11.47 5.76
C TYR A 146 -16.82 10.77 5.49
N TYR A 147 -15.64 11.19 5.94
CA TYR A 147 -14.38 10.46 5.78
C TYR A 147 -14.54 9.12 6.51
N GLN A 148 -14.88 9.12 7.80
CA GLN A 148 -15.10 7.94 8.61
C GLN A 148 -16.06 7.08 7.93
N ARG A 149 -17.18 7.66 7.54
CA ARG A 149 -18.19 6.85 6.86
C ARG A 149 -17.68 6.22 5.61
N MET A 150 -16.84 6.87 4.78
CA MET A 150 -16.44 6.28 3.49
C MET A 150 -15.50 5.13 3.81
N LEU A 151 -14.68 5.33 4.83
CA LEU A 151 -13.75 4.27 5.26
C LEU A 151 -14.52 3.04 5.79
N VAL A 152 -15.65 3.21 6.52
CA VAL A 152 -16.49 2.10 7.03
C VAL A 152 -17.19 1.39 5.92
N VAL A 153 -17.69 2.07 4.89
CA VAL A 153 -18.24 1.38 3.76
C VAL A 153 -17.23 0.37 3.13
N LEU A 154 -15.96 0.88 2.98
CA LEU A 154 -14.83 0.21 2.35
C LEU A 154 -14.35 -0.89 3.22
N LEU A 155 -14.32 -0.63 4.51
CA LEU A 155 -14.00 -1.70 5.45
C LEU A 155 -14.99 -2.82 5.38
N GLN A 156 -16.30 -2.65 5.13
CA GLN A 156 -17.21 -3.78 4.91
C GLN A 156 -16.81 -4.75 3.81
N ALA A 157 -15.83 -4.42 2.95
CA ALA A 157 -15.41 -5.30 1.85
C ALA A 157 -16.50 -5.93 1.04
N ASN A 158 -17.50 -5.09 0.78
CA ASN A 158 -18.70 -5.62 0.15
C ASN A 158 -19.02 -5.10 -1.23
N ARG A 159 -18.04 -4.63 -1.99
CA ARG A 159 -18.30 -4.09 -3.31
C ARG A 159 -18.92 -5.14 -4.20
N ASP A 160 -19.73 -4.70 -5.17
CA ASP A 160 -20.47 -5.57 -6.06
C ASP A 160 -19.50 -6.32 -6.89
N PRO A 161 -19.77 -7.55 -7.34
CA PRO A 161 -18.98 -8.25 -8.34
C PRO A 161 -18.99 -7.63 -9.72
N ASP A 162 -17.94 -7.80 -10.48
CA ASP A 162 -17.91 -7.44 -11.88
C ASP A 162 -18.81 -8.50 -12.47
N THR A 163 -19.85 -8.02 -13.10
CA THR A 163 -20.87 -8.83 -13.73
C THR A 163 -20.98 -8.27 -15.14
N ALA A 164 -21.83 -8.75 -16.07
CA ALA A 164 -21.99 -8.17 -17.39
C ALA A 164 -22.43 -6.71 -17.16
N ILE A 165 -22.06 -5.73 -18.00
CA ILE A 165 -22.45 -4.38 -17.67
C ILE A 165 -23.74 -4.00 -18.34
N ASP A 166 -24.44 -3.18 -17.58
CA ASP A 166 -25.72 -2.62 -17.91
C ASP A 166 -25.61 -1.12 -18.16
N ASP A 167 -25.65 -0.75 -19.42
CA ASP A 167 -25.58 0.64 -19.89
C ASP A 167 -26.56 1.59 -19.24
N ALA A 168 -27.75 1.06 -18.98
CA ALA A 168 -28.77 1.82 -18.30
C ALA A 168 -28.36 2.18 -16.91
N GLN A 169 -27.73 1.22 -16.24
CA GLN A 169 -27.23 1.56 -14.94
C GLN A 169 -26.03 2.51 -15.00
N VAL A 170 -25.20 2.35 -16.05
CA VAL A 170 -24.04 3.22 -16.23
C VAL A 170 -24.59 4.63 -16.41
N GLU A 171 -25.55 4.88 -17.33
CA GLU A 171 -26.08 6.26 -17.48
C GLU A 171 -26.79 6.71 -16.22
N LEU A 172 -27.50 5.80 -15.50
CA LEU A 172 -28.17 6.17 -14.25
C LEU A 172 -27.28 6.73 -13.21
N ASP A 173 -26.15 6.03 -13.10
CA ASP A 173 -25.17 6.41 -12.11
C ASP A 173 -24.37 7.64 -12.45
N ALA A 174 -24.00 7.88 -13.71
CA ALA A 174 -23.30 9.14 -14.07
C ALA A 174 -24.20 10.33 -13.94
N GLN A 175 -25.47 10.22 -14.37
CA GLN A 175 -26.44 11.28 -14.11
C GLN A 175 -26.65 11.53 -12.62
N ALA A 176 -26.78 10.56 -11.65
CA ALA A 176 -26.95 10.89 -10.23
C ALA A 176 -25.80 11.56 -9.60
N LEU A 177 -24.55 11.21 -10.02
CA LEU A 177 -23.36 11.88 -9.49
C LEU A 177 -23.35 13.33 -9.87
N PHE A 178 -23.74 13.50 -11.15
CA PHE A 178 -23.86 14.82 -11.80
C PHE A 178 -24.82 15.68 -11.06
N GLN A 179 -26.04 15.15 -10.82
CA GLN A 179 -27.03 15.82 -9.90
C GLN A 179 -26.60 15.91 -8.45
N ALA A 180 -25.74 15.03 -7.88
CA ALA A 180 -25.27 15.08 -6.48
C ALA A 180 -24.15 16.08 -6.30
N GLY A 181 -23.39 16.39 -7.36
CA GLY A 181 -22.41 17.41 -7.18
C GLY A 181 -22.57 18.74 -7.93
N GLU A 182 -22.34 18.72 -9.26
CA GLU A 182 -22.15 19.96 -10.05
C GLU A 182 -23.39 20.83 -10.15
N LEU A 183 -24.44 20.11 -10.47
CA LEU A 183 -25.83 20.57 -10.51
C LEU A 183 -26.48 20.71 -9.12
N LYS A 184 -25.78 20.79 -7.98
CA LYS A 184 -26.36 20.84 -6.65
C LYS A 184 -25.77 21.97 -5.88
N TRP A 185 -26.44 22.89 -5.19
CA TRP A 185 -25.78 23.85 -4.33
C TRP A 185 -25.26 23.01 -3.15
N GLY A 186 -24.02 23.08 -2.64
CA GLY A 186 -23.54 22.11 -1.64
C GLY A 186 -23.35 20.78 -2.28
N THR A 187 -23.30 19.64 -1.56
CA THR A 187 -23.01 18.36 -2.19
C THR A 187 -23.81 17.30 -1.46
N ASP A 188 -24.12 16.21 -2.13
CA ASP A 188 -24.74 15.06 -1.55
C ASP A 188 -23.67 14.00 -1.53
N GLU A 189 -22.83 14.10 -0.49
CA GLU A 189 -21.66 13.21 -0.30
C GLU A 189 -22.15 11.80 -0.07
N GLU A 190 -23.26 11.61 0.63
CA GLU A 190 -23.81 10.29 0.79
C GLU A 190 -24.10 9.64 -0.52
N LYS A 191 -24.39 10.25 -1.67
CA LYS A 191 -24.59 9.48 -2.88
C LYS A 191 -23.20 9.11 -3.43
N PHE A 192 -22.16 9.91 -3.19
CA PHE A 192 -20.80 9.64 -3.70
C PHE A 192 -20.27 8.41 -2.99
N ILE A 193 -20.33 8.33 -1.68
CA ILE A 193 -19.98 7.17 -0.83
C ILE A 193 -20.69 5.93 -1.30
N THR A 194 -22.01 5.86 -1.41
CA THR A 194 -22.66 4.71 -1.94
C THR A 194 -22.22 4.29 -3.32
N ILE A 195 -22.28 5.15 -4.37
CA ILE A 195 -21.93 4.68 -5.69
C ILE A 195 -20.40 4.41 -5.83
N LEU A 196 -19.55 5.24 -5.23
CA LEU A 196 -18.10 5.03 -5.28
C LEU A 196 -17.56 3.88 -4.41
N GLY A 197 -18.11 3.76 -3.20
CA GLY A 197 -17.83 2.73 -2.23
C GLY A 197 -18.46 1.40 -2.57
N THR A 198 -19.57 1.20 -3.29
CA THR A 198 -20.08 -0.17 -3.46
C THR A 198 -20.19 -0.76 -4.83
N ARG A 199 -20.12 -0.01 -5.92
CA ARG A 199 -20.41 -0.56 -7.22
C ARG A 199 -19.20 -1.31 -7.73
N SER A 200 -19.36 -2.26 -8.67
CA SER A 200 -18.23 -2.99 -9.11
C SER A 200 -17.22 -2.12 -9.79
N VAL A 201 -16.01 -2.66 -9.84
CA VAL A 201 -14.94 -1.94 -10.48
C VAL A 201 -15.22 -1.91 -11.96
N SER A 202 -15.57 -2.94 -12.73
CA SER A 202 -15.78 -2.80 -14.13
C SER A 202 -16.84 -1.76 -14.47
N HIS A 203 -17.92 -1.73 -13.66
CA HIS A 203 -18.97 -0.74 -13.80
C HIS A 203 -18.47 0.62 -13.41
N LEU A 204 -17.84 1.05 -12.31
CA LEU A 204 -17.54 2.46 -12.17
C LEU A 204 -16.54 2.96 -13.21
N ARG A 205 -15.69 2.17 -13.83
CA ARG A 205 -14.78 2.68 -14.83
C ARG A 205 -15.65 3.09 -15.99
N ARG A 206 -16.82 2.50 -16.23
CA ARG A 206 -17.70 2.85 -17.29
C ARG A 206 -18.48 4.07 -16.87
N VAL A 207 -18.84 4.25 -15.61
CA VAL A 207 -19.43 5.44 -15.09
C VAL A 207 -18.53 6.66 -15.20
N PHE A 208 -17.24 6.50 -14.99
CA PHE A 208 -16.30 7.60 -15.01
C PHE A 208 -16.12 8.25 -16.40
N ASP A 209 -16.24 7.47 -17.47
CA ASP A 209 -16.23 7.89 -18.88
C ASP A 209 -17.55 8.59 -19.29
N LYS A 210 -18.73 7.93 -19.27
CA LYS A 210 -20.04 8.56 -19.53
C LYS A 210 -20.19 9.81 -18.68
N TYR A 211 -19.85 9.87 -17.42
CA TYR A 211 -19.88 11.08 -16.64
C TYR A 211 -19.12 12.24 -17.28
N MET A 212 -17.98 11.93 -17.95
CA MET A 212 -17.10 12.90 -18.65
C MET A 212 -17.91 13.25 -19.87
N THR A 213 -18.48 12.35 -20.65
CA THR A 213 -19.41 12.72 -21.72
C THR A 213 -20.57 13.70 -21.33
N ILE A 214 -21.26 13.47 -20.19
CA ILE A 214 -22.39 14.19 -19.73
C ILE A 214 -21.97 15.49 -19.15
N SER A 215 -20.89 15.56 -18.38
CA SER A 215 -20.55 16.79 -17.68
C SER A 215 -19.48 17.68 -18.28
N GLY A 216 -18.71 17.11 -19.20
CA GLY A 216 -17.47 17.73 -19.65
C GLY A 216 -16.31 17.72 -18.61
N PHE A 217 -16.50 17.18 -17.39
CA PHE A 217 -15.59 17.07 -16.26
C PHE A 217 -15.16 15.60 -16.07
N GLN A 218 -13.94 15.36 -15.61
CA GLN A 218 -13.55 13.99 -15.26
C GLN A 218 -13.94 13.93 -13.78
N ILE A 219 -14.29 12.76 -13.24
CA ILE A 219 -14.81 12.70 -11.87
C ILE A 219 -13.87 13.30 -10.83
N GLU A 220 -12.52 13.19 -11.09
CA GLU A 220 -11.52 13.74 -10.15
C GLU A 220 -11.66 15.24 -10.00
N GLU A 221 -12.05 15.87 -11.10
CA GLU A 221 -12.12 17.32 -11.17
C GLU A 221 -13.32 17.74 -10.37
N THR A 222 -14.48 17.09 -10.60
CA THR A 222 -15.65 17.38 -9.73
C THR A 222 -15.28 17.11 -8.24
N ILE A 223 -14.59 16.01 -7.91
CA ILE A 223 -14.25 15.76 -6.53
C ILE A 223 -13.46 16.94 -6.02
N ASP A 224 -12.57 17.50 -6.83
CA ASP A 224 -11.85 18.66 -6.40
C ASP A 224 -12.76 19.79 -6.13
N ARG A 225 -13.70 20.04 -7.01
CA ARG A 225 -14.58 21.22 -6.89
C ARG A 225 -15.56 21.06 -5.76
N GLU A 226 -16.11 19.91 -5.60
CA GLU A 226 -17.09 19.67 -4.57
C GLU A 226 -16.56 19.57 -3.16
N THR A 227 -15.40 18.86 -2.97
CA THR A 227 -14.97 18.57 -1.62
C THR A 227 -13.69 19.15 -1.10
N SER A 228 -13.37 19.03 0.18
CA SER A 228 -12.12 19.41 0.76
C SER A 228 -11.67 18.28 1.70
N GLY A 229 -10.54 18.48 2.36
CA GLY A 229 -10.09 17.63 3.46
C GLY A 229 -9.78 16.20 3.12
N ASN A 230 -9.94 15.44 4.18
CA ASN A 230 -9.64 14.04 4.06
C ASN A 230 -10.66 13.38 3.23
N LEU A 231 -11.90 13.86 3.02
CA LEU A 231 -12.82 13.16 2.11
C LEU A 231 -12.40 13.42 0.67
N GLU A 232 -11.86 14.60 0.30
CA GLU A 232 -11.41 14.80 -1.06
C GLU A 232 -10.35 13.81 -1.38
N ASN A 233 -9.41 13.71 -0.45
CA ASN A 233 -8.31 12.72 -0.54
C ASN A 233 -8.67 11.30 -0.77
N LEU A 234 -9.59 10.83 0.11
CA LEU A 234 -10.06 9.50 0.06
C LEU A 234 -10.79 9.33 -1.21
N LEU A 235 -11.76 10.17 -1.64
CA LEU A 235 -12.45 9.88 -2.92
C LEU A 235 -11.50 9.81 -4.15
N LEU A 236 -10.53 10.70 -4.19
CA LEU A 236 -9.47 10.70 -5.18
C LEU A 236 -8.71 9.40 -5.13
N ALA A 237 -8.29 9.01 -3.91
CA ALA A 237 -7.63 7.72 -3.79
C ALA A 237 -8.49 6.58 -4.26
N VAL A 238 -9.83 6.53 -3.97
CA VAL A 238 -10.71 5.48 -4.50
C VAL A 238 -10.80 5.57 -6.01
N VAL A 239 -11.00 6.76 -6.59
CA VAL A 239 -11.17 6.82 -8.03
C VAL A 239 -9.93 6.23 -8.71
N LYS A 240 -8.76 6.68 -8.24
CA LYS A 240 -7.50 6.23 -8.86
C LYS A 240 -7.32 4.77 -8.64
N SER A 241 -7.73 4.14 -7.51
CA SER A 241 -7.53 2.72 -7.43
C SER A 241 -8.50 2.05 -8.33
N ILE A 242 -9.68 2.57 -8.63
CA ILE A 242 -10.58 1.83 -9.51
C ILE A 242 -10.07 1.81 -10.93
N ARG A 243 -9.55 2.97 -11.27
CA ARG A 243 -8.87 3.07 -12.54
C ARG A 243 -7.59 2.17 -12.58
N SER A 244 -6.61 2.35 -11.68
CA SER A 244 -5.46 1.43 -11.56
C SER A 244 -4.91 1.44 -10.15
N ILE A 245 -4.85 0.31 -9.43
CA ILE A 245 -4.19 0.38 -8.12
C ILE A 245 -2.71 0.61 -8.39
N PRO A 246 -2.03 -0.09 -9.30
CA PRO A 246 -0.64 0.16 -9.71
C PRO A 246 -0.32 1.61 -9.92
N ALA A 247 -1.07 2.27 -10.79
CA ALA A 247 -0.84 3.66 -11.05
C ALA A 247 -1.13 4.48 -9.85
N TYR A 248 -2.14 4.15 -9.01
CA TYR A 248 -2.35 4.96 -7.84
C TYR A 248 -1.09 4.86 -6.98
N LEU A 249 -0.48 3.64 -6.88
CA LEU A 249 0.69 3.41 -6.01
C LEU A 249 2.04 3.93 -6.52
N ALA A 250 2.24 3.81 -7.81
CA ALA A 250 3.27 4.50 -8.54
C ALA A 250 3.16 5.99 -8.25
N GLU A 251 1.97 6.61 -8.47
CA GLU A 251 1.75 7.98 -8.13
C GLU A 251 1.96 8.23 -6.65
N THR A 252 1.56 7.37 -5.68
CA THR A 252 1.90 7.61 -4.27
C THR A 252 3.42 7.59 -4.00
N LEU A 253 4.20 6.78 -4.74
CA LEU A 253 5.67 6.78 -4.58
C LEU A 253 6.24 8.06 -5.15
N TYR A 254 5.77 8.49 -6.33
CA TYR A 254 6.31 9.71 -6.90
C TYR A 254 6.24 10.85 -5.92
N TYR A 255 5.13 11.17 -5.29
CA TYR A 255 5.10 12.34 -4.43
C TYR A 255 5.78 12.17 -3.13
N ALA A 256 6.26 10.95 -2.89
CA ALA A 256 7.07 10.66 -1.71
C ALA A 256 8.49 11.15 -2.00
N MET A 257 8.99 10.87 -3.18
CA MET A 257 10.31 11.29 -3.54
C MET A 257 10.41 12.66 -4.18
N LYS A 258 9.47 13.20 -4.95
CA LYS A 258 9.54 14.54 -5.56
C LYS A 258 10.13 15.69 -4.74
N GLY A 259 9.73 15.80 -3.48
CA GLY A 259 10.10 16.94 -2.68
C GLY A 259 11.46 17.01 -1.96
N ALA A 260 11.30 17.99 -1.05
CA ALA A 260 12.27 18.50 -0.08
C ALA A 260 12.38 17.54 1.08
N GLY A 261 13.00 16.44 0.66
CA GLY A 261 13.19 15.32 1.51
C GLY A 261 12.74 14.13 0.70
N THR A 262 12.17 13.25 1.52
CA THR A 262 11.65 11.97 1.10
C THR A 262 10.62 11.55 2.14
N ASP A 263 9.42 11.06 1.78
CA ASP A 263 8.53 10.44 2.75
C ASP A 263 9.09 9.02 2.83
N ASP A 264 10.00 8.86 3.78
CA ASP A 264 10.61 7.55 3.95
C ASP A 264 9.63 6.43 4.25
N HIS A 265 8.78 6.62 5.30
CA HIS A 265 7.72 5.71 5.74
C HIS A 265 6.87 5.26 4.54
N THR A 266 6.49 6.15 3.61
CA THR A 266 5.76 5.72 2.42
C THR A 266 6.57 4.98 1.42
N LEU A 267 7.84 5.37 1.35
CA LEU A 267 8.70 4.75 0.34
C LEU A 267 8.82 3.31 0.75
N ILE A 268 9.04 3.11 2.05
CA ILE A 268 9.24 1.75 2.52
C ILE A 268 8.00 0.94 2.38
N ARG A 269 6.88 1.47 2.98
CA ARG A 269 5.62 0.74 3.10
C ARG A 269 5.08 0.27 1.79
N VAL A 270 5.21 1.04 0.70
CA VAL A 270 4.72 0.66 -0.60
C VAL A 270 5.65 -0.34 -1.23
N ILE A 271 6.97 -0.22 -1.10
CA ILE A 271 7.85 -1.16 -1.79
C ILE A 271 7.77 -2.54 -1.14
N VAL A 272 7.78 -2.56 0.18
CA VAL A 272 7.68 -3.82 0.89
C VAL A 272 6.30 -4.39 0.65
N SER A 273 5.19 -3.65 0.80
CA SER A 273 3.85 -4.29 0.73
C SER A 273 3.46 -4.92 -0.55
N ARG A 274 4.08 -4.33 -1.55
CA ARG A 274 3.77 -4.64 -2.91
C ARG A 274 4.85 -5.44 -3.57
N SER A 275 6.07 -5.51 -3.00
CA SER A 275 7.16 -6.29 -3.57
C SER A 275 6.70 -7.60 -4.17
N GLU A 276 5.84 -8.38 -3.55
CA GLU A 276 5.49 -9.67 -4.11
C GLU A 276 4.18 -9.70 -4.85
N ILE A 277 3.49 -8.56 -4.86
CA ILE A 277 2.17 -8.51 -5.46
C ILE A 277 2.22 -7.89 -6.81
N ASP A 278 2.54 -6.60 -6.92
CA ASP A 278 2.51 -5.89 -8.19
C ASP A 278 3.54 -4.79 -8.42
N LEU A 279 4.63 -4.58 -7.66
CA LEU A 279 5.72 -3.62 -7.94
C LEU A 279 6.29 -3.74 -9.36
N PHE A 280 6.26 -4.83 -10.11
CA PHE A 280 6.74 -4.70 -11.46
C PHE A 280 5.83 -3.75 -12.27
N ASN A 281 4.51 -3.94 -12.08
CA ASN A 281 3.49 -3.13 -12.77
C ASN A 281 3.53 -1.70 -12.27
N ILE A 282 3.68 -1.48 -10.99
CA ILE A 282 3.79 -0.13 -10.44
C ILE A 282 4.94 0.56 -11.13
N ARG A 283 6.03 -0.18 -11.43
CA ARG A 283 7.20 0.36 -12.08
C ARG A 283 6.84 0.73 -13.50
N LYS A 284 6.17 -0.10 -14.30
CA LYS A 284 5.66 0.28 -15.62
C LYS A 284 4.90 1.63 -15.60
N GLU A 285 3.85 1.76 -14.80
CA GLU A 285 3.11 2.99 -14.63
C GLU A 285 3.97 4.07 -14.10
N PHE A 286 5.00 3.84 -13.33
CA PHE A 286 5.83 4.95 -12.88
C PHE A 286 6.50 5.60 -14.07
N ARG A 287 7.04 4.79 -14.97
CA ARG A 287 7.74 5.32 -16.12
C ARG A 287 6.75 6.01 -17.05
N LYS A 288 5.74 5.24 -17.46
CA LYS A 288 4.66 5.67 -18.35
C LYS A 288 4.12 7.02 -17.93
N ASN A 289 3.81 7.21 -16.67
CA ASN A 289 3.32 8.50 -16.27
C ASN A 289 4.41 9.47 -15.90
N PHE A 290 5.66 9.13 -15.54
CA PHE A 290 6.52 10.17 -15.00
C PHE A 290 7.83 10.43 -15.66
N ALA A 291 8.12 9.77 -16.78
CA ALA A 291 9.41 9.85 -17.45
C ALA A 291 10.57 9.38 -16.58
N THR A 292 10.71 9.62 -15.26
CA THR A 292 11.78 9.05 -14.48
C THR A 292 11.44 7.56 -14.25
N SER A 293 12.48 6.75 -14.08
CA SER A 293 12.27 5.36 -13.77
C SER A 293 12.33 5.32 -12.23
N LEU A 294 11.78 4.28 -11.61
CA LEU A 294 11.67 4.25 -10.15
C LEU A 294 13.04 4.03 -9.50
N TYR A 295 13.86 3.26 -10.18
CA TYR A 295 15.20 3.01 -9.74
C TYR A 295 15.88 4.35 -9.54
N SER A 296 15.86 5.18 -10.57
CA SER A 296 16.54 6.46 -10.60
C SER A 296 16.10 7.36 -9.50
N MET A 297 14.80 7.35 -9.29
CA MET A 297 14.20 8.26 -8.35
C MET A 297 14.68 7.84 -6.97
N ILE A 298 14.71 6.53 -6.78
CA ILE A 298 15.16 6.03 -5.50
C ILE A 298 16.67 6.28 -5.40
N LYS A 299 17.45 6.14 -6.49
CA LYS A 299 18.90 6.34 -6.47
C LYS A 299 19.36 7.76 -6.16
N GLY A 300 18.57 8.79 -6.43
CA GLY A 300 19.00 10.09 -6.01
C GLY A 300 18.44 10.51 -4.65
N ASP A 301 17.50 9.73 -4.09
CA ASP A 301 16.84 10.15 -2.87
C ASP A 301 17.37 9.51 -1.59
N THR A 302 17.90 8.31 -1.79
CA THR A 302 18.31 7.46 -0.70
C THR A 302 19.80 7.27 -0.59
N SER A 303 20.38 7.26 0.58
CA SER A 303 21.77 6.85 0.68
C SER A 303 21.97 5.57 1.53
N GLY A 304 23.19 5.05 1.64
CA GLY A 304 23.48 3.96 2.54
C GLY A 304 23.02 2.59 2.09
N ASP A 305 22.97 1.74 3.11
CA ASP A 305 22.60 0.34 3.00
C ASP A 305 21.14 0.29 2.51
N TYR A 306 20.38 1.26 3.06
CA TYR A 306 18.97 1.55 2.75
C TYR A 306 18.72 1.65 1.25
N LYS A 307 19.41 2.60 0.57
CA LYS A 307 19.39 2.76 -0.88
C LYS A 307 19.65 1.46 -1.56
N LYS A 308 20.68 0.70 -1.20
CA LYS A 308 21.03 -0.51 -1.95
C LYS A 308 19.99 -1.60 -1.84
N ALA A 309 19.46 -1.63 -0.61
CA ALA A 309 18.42 -2.55 -0.26
C ALA A 309 17.17 -2.27 -1.07
N LEU A 310 16.86 -0.96 -1.11
CA LEU A 310 15.69 -0.48 -1.81
C LEU A 310 15.82 -0.83 -3.27
N LEU A 311 16.98 -0.62 -3.88
CA LEU A 311 17.13 -0.80 -5.32
C LEU A 311 17.13 -2.22 -5.73
N LEU A 312 17.59 -3.04 -4.79
CA LEU A 312 17.63 -4.47 -5.00
C LEU A 312 16.22 -5.01 -4.98
N LEU A 313 15.39 -4.44 -4.12
CA LEU A 313 13.99 -4.82 -4.04
C LEU A 313 13.25 -4.39 -5.27
N CYS A 314 13.50 -3.14 -5.71
CA CYS A 314 12.99 -2.56 -6.96
C CYS A 314 13.32 -3.29 -8.25
N GLY A 315 14.60 -3.59 -8.49
CA GLY A 315 15.01 -4.27 -9.69
C GLY A 315 14.96 -3.32 -10.90
N GLY A 316 15.18 -3.86 -12.10
CA GLY A 316 15.12 -3.17 -13.38
C GLY A 316 15.29 -1.65 -13.55
N GLU A 317 16.50 -1.13 -13.68
CA GLU A 317 16.63 0.27 -14.03
C GLU A 317 16.29 0.41 -15.51
N ASP A 318 15.38 1.38 -15.67
CA ASP A 318 14.71 1.89 -16.87
C ASP A 318 13.30 1.41 -16.61
N ASP A 319 13.15 0.15 -16.20
CA ASP A 319 11.88 -0.40 -15.83
C ASP A 319 11.48 0.08 -14.45
#